data_5MIT
#
_entry.id   5MIT
#
_cell.length_a   120.690
_cell.length_b   120.690
_cell.length_c   60.330
_cell.angle_alpha   90.000
_cell.angle_beta   90.000
_cell.angle_gamma   90.000
#
_symmetry.space_group_name_H-M   'P 41 21 2'
#
loop_
_entity.id
_entity.type
_entity.pdbx_description
1 polymer 'Thioredoxin reductase'
2 non-polymer 'FLAVIN-ADENINE DINUCLEOTIDE'
3 non-polymer 'NADP NICOTINAMIDE-ADENINE-DINUCLEOTIDE PHOSPHATE'
4 non-polymer DI(HYDROXYETHYL)ETHER
5 non-polymer 'SULFATE ION'
6 water water
#
_entity_poly.entity_id   1
_entity_poly.type   'polypeptide(L)'
_entity_poly.pdbx_seq_one_letter_code
;GSSHHHHHHSSGLVPRGSHMTEKKYDVVIIGSGPAGMTAAMYTARSEMKTLLLERGVPGGQMNNTAEIENYPGYETIMGP
ELSMKMAEPLEGLGVENAYGFVTGIEDHGDYKKIITEDDEFITKSIIIATGANHRKLEIPGEEEYGARGVSYCAVCDGAF
FRNQEILVIGGGDSAVEEALYLTRFGQSVTIMHRRDKLRAQEIIQQRAFKEEKINFIWDSVPMEIKGDDKKIQSVVYKNV
KTGEVTEKAFGGIFIYVGLDPVAEFVSDLGITDEAGWIITDDHMRTNIPGIFAVGDVRQKDFRQITTAVGDGAQAAQEAY
KFVVELG
;
_entity_poly.pdbx_strand_id   A
#
loop_
_chem_comp.id
_chem_comp.type
_chem_comp.name
_chem_comp.formula
FAD non-polymer 'FLAVIN-ADENINE DINUCLEOTIDE' 'C27 H33 N9 O15 P2'
NAP non-polymer 'NADP NICOTINAMIDE-ADENINE-DINUCLEOTIDE PHOSPHATE' 'C21 H28 N7 O17 P3'
PEG non-polymer DI(HYDROXYETHYL)ETHER 'C4 H10 O3'
SO4 non-polymer 'SULFATE ION' 'O4 S -2'
#
# COMPACT_ATOMS: atom_id res chain seq x y z
N LYS A 24 21.58 20.68 4.71
CA LYS A 24 22.55 19.74 4.06
C LYS A 24 21.99 18.85 2.94
N TYR A 25 20.81 18.22 3.10
CA TYR A 25 20.06 17.78 1.87
C TYR A 25 19.18 18.90 1.45
N ASP A 26 19.01 19.06 0.13
CA ASP A 26 17.93 19.94 -0.33
C ASP A 26 16.56 19.27 -0.08
N VAL A 27 16.51 18.01 -0.37
CA VAL A 27 15.28 17.25 -0.17
C VAL A 27 15.57 15.85 0.24
N VAL A 28 14.76 15.39 1.21
CA VAL A 28 14.72 13.99 1.56
C VAL A 28 13.30 13.46 1.26
N ILE A 29 13.26 12.46 0.44
CA ILE A 29 12.05 11.69 0.14
C ILE A 29 12.06 10.38 0.94
N ILE A 30 10.98 10.21 1.69
CA ILE A 30 10.79 9.02 2.53
C ILE A 30 9.80 8.02 1.91
N GLY A 31 10.34 6.95 1.37
CA GLY A 31 9.61 5.88 0.74
C GLY A 31 9.86 5.85 -0.71
N SER A 32 10.18 4.68 -1.24
CA SER A 32 10.56 4.42 -2.57
C SER A 32 9.59 3.49 -3.30
N GLY A 33 8.34 3.81 -3.10
CA GLY A 33 7.29 3.26 -3.96
C GLY A 33 7.20 4.20 -5.16
N PRO A 34 6.12 4.08 -5.96
CA PRO A 34 6.12 4.90 -7.18
C PRO A 34 6.02 6.37 -6.96
N ALA A 35 5.37 6.87 -5.88
CA ALA A 35 5.33 8.28 -5.67
C ALA A 35 6.74 8.77 -5.34
N GLY A 36 7.41 8.08 -4.40
CA GLY A 36 8.75 8.56 -4.00
C GLY A 36 9.79 8.51 -5.07
N MET A 37 9.76 7.45 -5.84
CA MET A 37 10.61 7.25 -6.90
C MET A 37 10.44 8.30 -8.02
N THR A 38 9.21 8.69 -8.27
CA THR A 38 8.95 9.77 -9.25
C THR A 38 9.46 11.09 -8.68
N ALA A 39 9.10 11.42 -7.45
CA ALA A 39 9.63 12.60 -6.83
C ALA A 39 11.15 12.69 -6.87
N ALA A 40 11.82 11.58 -6.58
CA ALA A 40 13.27 11.55 -6.53
C ALA A 40 13.92 11.71 -7.93
N MET A 41 13.33 11.09 -8.92
CA MET A 41 13.75 11.28 -10.28
C MET A 41 13.64 12.79 -10.62
N TYR A 42 12.52 13.41 -10.32
CA TYR A 42 12.28 14.88 -10.64
C TYR A 42 13.24 15.83 -9.84
N THR A 43 13.38 15.65 -8.52
CA THR A 43 14.33 16.45 -7.77
C THR A 43 15.77 16.24 -8.24
N ALA A 44 16.19 15.03 -8.55
CA ALA A 44 17.52 14.81 -9.01
C ALA A 44 17.74 15.50 -10.39
N ARG A 45 16.71 15.48 -11.23
CA ARG A 45 16.81 16.13 -12.54
C ARG A 45 16.87 17.68 -12.38
N SER A 46 16.31 18.25 -11.31
CA SER A 46 16.51 19.63 -10.97
C SER A 46 17.82 19.88 -10.20
N GLU A 47 18.65 18.88 -10.10
CA GLU A 47 19.98 18.91 -9.46
C GLU A 47 19.84 19.30 -7.99
N MET A 48 18.76 18.87 -7.35
CA MET A 48 18.61 19.04 -5.91
C MET A 48 19.38 17.92 -5.23
N LYS A 49 20.04 18.19 -4.09
CA LYS A 49 20.82 17.16 -3.41
C LYS A 49 19.74 16.32 -2.71
N THR A 50 19.62 15.12 -3.25
CA THR A 50 18.48 14.26 -3.03
C THR A 50 18.84 12.97 -2.33
N LEU A 51 18.15 12.76 -1.21
CA LEU A 51 18.23 11.47 -0.45
C LEU A 51 16.87 10.73 -0.57
N LEU A 52 16.92 9.47 -0.96
CA LEU A 52 15.68 8.66 -1.02
C LEU A 52 15.83 7.53 0.01
N LEU A 53 15.10 7.66 1.10
CA LEU A 53 15.11 6.63 2.18
C LEU A 53 13.96 5.63 1.97
N GLU A 54 14.27 4.35 2.11
CA GLU A 54 13.33 3.24 1.96
C GLU A 54 13.75 2.19 3.03
N ARG A 55 12.77 1.68 3.74
CA ARG A 55 13.01 0.66 4.79
C ARG A 55 13.18 -0.71 4.18
N GLY A 56 12.70 -0.91 2.94
CA GLY A 56 12.67 -2.23 2.31
C GLY A 56 13.11 -2.28 0.88
N VAL A 57 12.30 -2.88 0.03
CA VAL A 57 12.63 -3.00 -1.38
C VAL A 57 11.93 -1.85 -2.13
N PRO A 58 12.67 -1.17 -3.01
CA PRO A 58 12.03 -0.16 -3.88
C PRO A 58 10.83 -0.80 -4.60
N GLY A 59 9.75 -0.05 -4.73
CA GLY A 59 8.55 -0.53 -5.37
C GLY A 59 7.32 -0.39 -4.51
N GLY A 60 7.47 -0.40 -3.19
CA GLY A 60 6.33 -0.23 -2.33
C GLY A 60 5.32 -1.38 -2.61
N GLN A 61 4.04 -1.01 -2.63
CA GLN A 61 2.95 -1.98 -2.94
C GLN A 61 3.06 -2.64 -4.26
N MET A 62 3.75 -2.02 -5.23
CA MET A 62 3.82 -2.66 -6.53
C MET A 62 4.51 -4.02 -6.41
N ASN A 63 5.40 -4.18 -5.44
CA ASN A 63 6.06 -5.50 -5.33
C ASN A 63 5.09 -6.58 -4.76
N ASN A 64 3.97 -6.15 -4.19
CA ASN A 64 2.93 -7.05 -3.64
C ASN A 64 1.75 -7.23 -4.58
N THR A 65 2.00 -6.89 -5.84
CA THR A 65 1.00 -6.84 -6.90
C THR A 65 1.51 -7.80 -7.98
N ALA A 66 0.62 -8.67 -8.44
CA ALA A 66 0.94 -9.69 -9.38
C ALA A 66 1.03 -9.13 -10.79
N GLU A 67 -0.07 -8.60 -11.31
CA GLU A 67 -0.13 -8.07 -12.69
C GLU A 67 -0.71 -6.67 -12.64
N ILE A 68 -0.01 -5.73 -13.28
CA ILE A 68 -0.50 -4.36 -13.37
C ILE A 68 -0.89 -4.15 -14.81
N GLU A 69 -2.15 -3.83 -15.03
CA GLU A 69 -2.71 -3.67 -16.37
C GLU A 69 -3.05 -2.26 -16.73
N ASN A 70 -3.10 -1.36 -15.75
CA ASN A 70 -3.63 -0.05 -15.95
C ASN A 70 -2.59 1.08 -15.73
N TYR A 71 -1.32 0.73 -15.85
CA TYR A 71 -0.31 1.76 -15.88
C TYR A 71 -0.05 2.12 -17.35
N PRO A 72 -0.35 3.36 -17.71
CA PRO A 72 -0.27 3.75 -19.13
C PRO A 72 1.15 3.65 -19.63
N GLY A 73 1.35 2.95 -20.74
CA GLY A 73 2.68 2.70 -21.22
C GLY A 73 2.95 1.23 -21.26
N TYR A 74 2.31 0.49 -20.34
CA TYR A 74 2.44 -1.00 -20.27
C TYR A 74 1.10 -1.70 -20.32
N GLU A 75 0.96 -2.61 -21.28
CA GLU A 75 -0.25 -3.46 -21.48
C GLU A 75 -0.55 -4.38 -20.27
N THR A 76 0.51 -5.01 -19.72
CA THR A 76 0.44 -5.75 -18.49
C THR A 76 1.86 -5.99 -18.04
N ILE A 77 2.12 -5.84 -16.75
CA ILE A 77 3.50 -6.00 -16.30
C ILE A 77 3.37 -6.45 -14.92
N MET A 78 4.27 -7.33 -14.54
CA MET A 78 4.34 -7.83 -13.18
C MET A 78 4.83 -6.72 -12.25
N GLY A 79 4.28 -6.63 -11.06
CA GLY A 79 4.52 -5.54 -10.15
C GLY A 79 6.02 -5.40 -9.86
N PRO A 80 6.66 -6.51 -9.51
CA PRO A 80 8.08 -6.30 -9.18
C PRO A 80 8.92 -5.87 -10.34
N GLU A 81 8.55 -6.23 -11.56
CA GLU A 81 9.28 -5.71 -12.74
C GLU A 81 9.10 -4.20 -12.96
N LEU A 82 7.87 -3.72 -12.82
CA LEU A 82 7.65 -2.29 -12.89
C LEU A 82 8.45 -1.55 -11.78
N SER A 83 8.41 -2.09 -10.56
CA SER A 83 9.29 -1.58 -9.47
C SER A 83 10.77 -1.45 -9.89
N MET A 84 11.33 -2.45 -10.57
CA MET A 84 12.74 -2.41 -10.98
C MET A 84 12.94 -1.38 -12.04
N LYS A 85 11.99 -1.29 -12.98
CA LYS A 85 12.10 -0.30 -14.02
C LYS A 85 12.03 1.12 -13.50
N MET A 86 11.20 1.36 -12.46
CA MET A 86 11.14 2.68 -11.91
C MET A 86 12.38 3.04 -11.09
N ALA A 87 12.98 2.03 -10.47
CA ALA A 87 14.16 2.24 -9.63
C ALA A 87 15.44 2.42 -10.46
N GLU A 88 15.53 1.80 -11.63
CA GLU A 88 16.75 1.76 -12.47
C GLU A 88 17.51 3.07 -12.61
N PRO A 89 16.86 4.15 -13.06
CA PRO A 89 17.62 5.36 -13.44
C PRO A 89 18.03 6.19 -12.28
N LEU A 90 17.49 5.88 -11.11
CA LEU A 90 17.64 6.82 -10.02
C LEU A 90 19.13 7.07 -9.62
N GLU A 91 19.95 6.05 -9.69
CA GLU A 91 21.25 6.23 -9.12
C GLU A 91 22.10 7.07 -10.14
N GLY A 92 21.93 6.79 -11.44
CA GLY A 92 22.57 7.55 -12.50
C GLY A 92 22.19 9.01 -12.57
N LEU A 93 21.02 9.35 -12.07
CA LEU A 93 20.59 10.72 -11.93
C LEU A 93 21.20 11.39 -10.69
N GLY A 94 21.92 10.62 -9.87
CA GLY A 94 22.51 11.13 -8.65
C GLY A 94 21.63 11.16 -7.40
N VAL A 95 20.52 10.44 -7.42
CA VAL A 95 19.74 10.25 -6.21
C VAL A 95 20.61 9.40 -5.30
N GLU A 96 20.68 9.83 -4.07
CA GLU A 96 21.34 9.00 -3.08
C GLU A 96 20.27 8.07 -2.46
N ASN A 97 20.36 6.79 -2.78
CA ASN A 97 19.48 5.75 -2.27
C ASN A 97 20.01 5.23 -0.96
N ALA A 98 19.23 5.28 0.10
CA ALA A 98 19.74 4.71 1.34
C ALA A 98 18.67 3.98 2.10
N TYR A 99 19.08 2.88 2.72
CA TYR A 99 18.29 2.23 3.75
C TYR A 99 17.94 3.14 4.92
N GLY A 100 16.69 3.13 5.37
CA GLY A 100 16.30 3.84 6.57
C GLY A 100 14.84 3.51 6.92
N PHE A 101 14.57 3.24 8.22
CA PHE A 101 13.24 3.29 8.77
C PHE A 101 13.07 4.55 9.53
N VAL A 102 12.20 5.44 9.08
CA VAL A 102 12.06 6.73 9.71
C VAL A 102 11.14 6.55 10.86
N THR A 103 11.53 7.10 12.03
CA THR A 103 10.76 7.04 13.28
C THR A 103 10.26 8.40 13.67
N GLY A 104 10.86 9.47 13.14
CA GLY A 104 10.36 10.82 13.44
C GLY A 104 11.00 11.91 12.56
N ILE A 105 10.34 13.06 12.59
CA ILE A 105 10.70 14.27 11.89
C ILE A 105 10.51 15.46 12.84
N GLU A 106 11.55 16.28 12.96
CA GLU A 106 11.43 17.54 13.69
C GLU A 106 11.58 18.73 12.75
N ASP A 107 10.64 19.66 12.87
CA ASP A 107 10.70 20.94 12.22
C ASP A 107 11.55 21.92 13.05
N HIS A 108 12.71 22.29 12.53
CA HIS A 108 13.52 23.35 13.14
C HIS A 108 13.47 24.63 12.27
N GLY A 109 12.27 25.03 11.84
CA GLY A 109 12.10 26.29 11.09
C GLY A 109 12.68 26.27 9.69
N ASP A 110 13.96 26.64 9.57
CA ASP A 110 14.61 26.71 8.26
C ASP A 110 15.39 25.47 7.86
N TYR A 111 15.32 24.43 8.69
CA TYR A 111 15.72 23.08 8.26
C TYR A 111 14.89 22.08 9.04
N LYS A 112 14.99 20.81 8.66
CA LYS A 112 14.16 19.80 9.29
C LYS A 112 15.12 18.68 9.55
N LYS A 113 14.80 17.91 10.59
CA LYS A 113 15.59 16.78 10.91
C LYS A 113 14.71 15.53 10.78
N ILE A 114 15.31 14.51 10.19
CA ILE A 114 14.71 13.21 10.05
C ILE A 114 15.50 12.15 10.81
N ILE A 115 14.78 11.45 11.67
CA ILE A 115 15.34 10.39 12.55
C ILE A 115 14.91 9.04 12.09
N THR A 116 15.91 8.20 11.80
CA THR A 116 15.75 6.82 11.57
C THR A 116 16.22 5.99 12.81
N GLU A 117 16.31 4.69 12.65
CA GLU A 117 16.64 3.81 13.77
C GLU A 117 18.01 4.24 14.34
N ASP A 118 18.96 4.42 13.42
CA ASP A 118 20.34 4.73 13.75
C ASP A 118 20.86 6.11 13.31
N ASP A 119 20.16 6.86 12.45
CA ASP A 119 20.70 8.11 11.86
C ASP A 119 19.82 9.31 12.04
N GLU A 120 20.42 10.46 11.74
CA GLU A 120 19.70 11.71 11.64
C GLU A 120 20.16 12.37 10.33
N PHE A 121 19.23 13.05 9.69
CA PHE A 121 19.49 13.67 8.37
C PHE A 121 18.89 15.00 8.52
N ILE A 122 19.60 16.00 7.98
CA ILE A 122 19.15 17.37 8.01
C ILE A 122 18.89 17.77 6.54
N THR A 123 17.81 18.50 6.33
CA THR A 123 17.35 18.77 4.99
C THR A 123 16.56 20.00 5.02
N LYS A 124 16.56 20.68 3.89
CA LYS A 124 15.69 21.85 3.78
C LYS A 124 14.21 21.54 3.54
N SER A 125 13.96 20.40 2.92
CA SER A 125 12.60 19.96 2.50
C SER A 125 12.48 18.45 2.63
N ILE A 126 11.23 18.04 2.78
CA ILE A 126 10.88 16.66 2.93
C ILE A 126 9.64 16.38 2.06
N ILE A 127 9.70 15.26 1.38
CA ILE A 127 8.54 14.70 0.66
C ILE A 127 8.25 13.29 1.27
N ILE A 128 7.16 13.23 1.96
CA ILE A 128 6.67 12.00 2.64
C ILE A 128 5.88 11.13 1.69
N ALA A 129 6.42 9.98 1.36
CA ALA A 129 5.89 9.04 0.36
C ALA A 129 5.83 7.61 0.87
N THR A 130 5.32 7.50 2.08
CA THR A 130 5.39 6.24 2.80
C THR A 130 4.18 5.32 2.68
N GLY A 131 3.15 5.79 1.96
CA GLY A 131 2.10 4.88 1.56
C GLY A 131 1.18 4.43 2.67
N ALA A 132 0.64 3.26 2.48
CA ALA A 132 -0.45 2.71 3.28
C ALA A 132 -0.22 1.25 3.54
N ASN A 133 -0.89 0.75 4.57
CA ASN A 133 -0.71 -0.65 4.95
C ASN A 133 -2.09 -1.33 5.04
N HIS A 134 -2.08 -2.64 4.84
CA HIS A 134 -3.30 -3.48 4.99
C HIS A 134 -4.00 -3.26 6.31
N ARG A 135 -5.29 -2.97 6.26
CA ARG A 135 -6.12 -2.94 7.43
C ARG A 135 -6.38 -4.39 7.97
N LYS A 136 -6.30 -4.53 9.30
CA LYS A 136 -6.66 -5.77 9.99
C LYS A 136 -8.14 -5.93 10.26
N LEU A 137 -8.55 -7.19 10.32
CA LEU A 137 -9.94 -7.52 10.67
C LEU A 137 -10.15 -7.29 12.18
N GLU A 138 -9.12 -7.56 12.96
CA GLU A 138 -9.24 -7.48 14.46
C GLU A 138 -10.27 -8.47 14.96
N ILE A 139 -10.18 -9.68 14.42
CA ILE A 139 -10.94 -10.82 14.90
C ILE A 139 -10.07 -11.94 15.47
N PRO A 140 -10.70 -12.82 16.30
CA PRO A 140 -9.93 -13.93 16.82
C PRO A 140 -9.43 -14.85 15.73
N GLY A 141 -8.21 -15.31 15.93
CA GLY A 141 -7.52 -16.21 15.05
C GLY A 141 -6.65 -15.47 14.08
N GLU A 142 -6.96 -14.22 13.86
CA GLU A 142 -6.21 -13.45 12.85
C GLU A 142 -4.73 -13.35 13.20
N GLU A 143 -4.43 -13.06 14.46
CA GLU A 143 -3.01 -13.01 14.89
C GLU A 143 -2.46 -14.39 15.05
N GLU A 144 -3.18 -15.25 15.78
CA GLU A 144 -2.74 -16.63 15.96
C GLU A 144 -2.37 -17.32 14.67
N TYR A 145 -3.11 -17.12 13.58
CA TYR A 145 -2.77 -17.82 12.36
C TYR A 145 -1.99 -17.04 11.32
N GLY A 146 -1.47 -15.89 11.71
CA GLY A 146 -0.56 -15.07 10.87
C GLY A 146 0.41 -15.84 10.03
N ALA A 147 1.14 -16.76 10.60
CA ALA A 147 2.17 -17.39 9.78
C ALA A 147 1.63 -18.61 9.03
N ARG A 148 0.35 -18.94 9.28
CA ARG A 148 -0.11 -20.31 9.15
C ARG A 148 -1.51 -20.43 8.56
N GLY A 149 -1.76 -19.66 7.51
CA GLY A 149 -3.08 -19.65 6.89
C GLY A 149 -3.65 -18.26 6.66
N VAL A 150 -3.29 -17.27 7.47
CA VAL A 150 -3.73 -15.90 7.30
C VAL A 150 -2.66 -15.09 6.53
N SER A 151 -3.07 -14.37 5.48
CA SER A 151 -2.12 -13.64 4.62
C SER A 151 -2.75 -12.34 4.17
N TYR A 152 -1.91 -11.35 3.87
CA TYR A 152 -2.37 -10.11 3.28
C TYR A 152 -1.73 -9.88 1.93
N CYS A 153 -1.13 -10.92 1.35
CA CYS A 153 -0.40 -10.77 0.14
C CYS A 153 -0.37 -12.00 -0.73
N ALA A 154 -1.17 -11.97 -1.80
CA ALA A 154 -1.33 -13.13 -2.62
C ALA A 154 -0.11 -13.48 -3.45
N VAL A 155 0.57 -12.50 -4.01
CA VAL A 155 1.76 -12.83 -4.78
C VAL A 155 2.87 -13.38 -3.83
N CYS A 156 2.86 -12.98 -2.57
CA CYS A 156 3.84 -13.44 -1.59
C CYS A 156 3.59 -14.88 -1.21
N ASP A 157 2.31 -15.21 -1.00
CA ASP A 157 1.93 -16.42 -0.29
C ASP A 157 1.13 -17.44 -1.07
N GLY A 158 0.56 -17.01 -2.19
CA GLY A 158 -0.39 -17.86 -2.90
C GLY A 158 0.05 -19.30 -3.15
N ALA A 159 1.31 -19.46 -3.52
CA ALA A 159 1.80 -20.79 -3.91
C ALA A 159 1.84 -21.77 -2.70
N PHE A 160 1.79 -21.25 -1.49
CA PHE A 160 1.67 -22.11 -0.32
C PHE A 160 0.29 -22.79 -0.21
N PHE A 161 -0.65 -22.44 -1.09
CA PHE A 161 -2.05 -22.77 -0.94
C PHE A 161 -2.53 -23.54 -2.16
N ARG A 162 -1.61 -24.20 -2.82
CA ARG A 162 -1.97 -24.97 -3.97
C ARG A 162 -3.00 -26.03 -3.57
N ASN A 163 -4.06 -26.17 -4.36
CA ASN A 163 -5.12 -27.10 -4.09
C ASN A 163 -5.94 -26.89 -2.82
N GLN A 164 -5.75 -25.77 -2.13
CA GLN A 164 -6.63 -25.39 -1.03
C GLN A 164 -7.91 -24.65 -1.48
N GLU A 165 -8.87 -24.64 -0.56
CA GLU A 165 -10.07 -23.81 -0.67
C GLU A 165 -9.64 -22.51 -0.02
N ILE A 166 -9.48 -21.48 -0.85
CA ILE A 166 -8.98 -20.24 -0.33
C ILE A 166 -10.15 -19.25 -0.11
N LEU A 167 -10.07 -18.51 0.98
CA LEU A 167 -11.04 -17.41 1.24
C LEU A 167 -10.38 -16.05 1.07
N VAL A 168 -11.08 -15.13 0.40
CA VAL A 168 -10.58 -13.75 0.26
C VAL A 168 -11.59 -12.83 0.87
N ILE A 169 -11.17 -12.01 1.81
CA ILE A 169 -12.09 -11.05 2.48
C ILE A 169 -11.97 -9.64 1.86
N GLY A 170 -13.13 -9.10 1.46
CA GLY A 170 -13.21 -7.73 0.89
C GLY A 170 -13.94 -7.71 -0.46
N GLY A 171 -14.32 -6.51 -0.91
CA GLY A 171 -15.04 -6.35 -2.16
C GLY A 171 -14.45 -5.26 -3.06
N GLY A 172 -13.21 -4.82 -2.77
CA GLY A 172 -12.56 -3.81 -3.58
C GLY A 172 -11.65 -4.38 -4.60
N ASP A 173 -10.94 -3.44 -5.27
CA ASP A 173 -10.00 -3.82 -6.26
C ASP A 173 -9.01 -4.84 -5.77
N SER A 174 -8.52 -4.74 -4.53
CA SER A 174 -7.49 -5.68 -4.14
C SER A 174 -8.05 -7.07 -3.95
N ALA A 175 -9.13 -7.13 -3.20
CA ALA A 175 -9.80 -8.43 -2.95
C ALA A 175 -10.12 -9.14 -4.23
N VAL A 176 -10.71 -8.42 -5.17
CA VAL A 176 -11.17 -9.10 -6.35
C VAL A 176 -10.00 -9.48 -7.24
N GLU A 177 -9.03 -8.57 -7.47
CA GLU A 177 -7.85 -8.92 -8.29
C GLU A 177 -7.02 -10.03 -7.72
N GLU A 178 -6.82 -9.96 -6.41
CA GLU A 178 -6.01 -10.94 -5.74
C GLU A 178 -6.73 -12.27 -5.70
N ALA A 179 -8.07 -12.26 -5.61
CA ALA A 179 -8.81 -13.53 -5.76
C ALA A 179 -8.58 -14.13 -7.16
N LEU A 180 -8.66 -13.32 -8.21
CA LEU A 180 -8.42 -13.84 -9.54
C LEU A 180 -7.02 -14.40 -9.72
N TYR A 181 -6.02 -13.72 -9.16
CA TYR A 181 -4.66 -14.25 -9.19
C TYR A 181 -4.62 -15.61 -8.48
N LEU A 182 -5.20 -15.69 -7.30
CA LEU A 182 -5.12 -16.91 -6.47
C LEU A 182 -5.78 -18.14 -7.10
N THR A 183 -6.66 -17.94 -8.05
CA THR A 183 -7.21 -19.09 -8.73
C THR A 183 -6.12 -19.94 -9.46
N ARG A 184 -4.93 -19.38 -9.66
CA ARG A 184 -3.80 -20.18 -10.21
C ARG A 184 -3.41 -21.30 -9.30
N PHE A 185 -3.62 -21.11 -8.01
CA PHE A 185 -3.15 -22.02 -7.00
C PHE A 185 -4.26 -22.82 -6.35
N GLY A 186 -5.31 -22.14 -5.86
CA GLY A 186 -6.35 -22.83 -5.12
C GLY A 186 -7.22 -23.76 -5.94
N GLN A 187 -7.81 -24.74 -5.26
CA GLN A 187 -8.95 -25.46 -5.87
C GLN A 187 -10.14 -24.55 -6.16
N SER A 188 -10.45 -23.65 -5.20
CA SER A 188 -11.46 -22.63 -5.38
C SER A 188 -11.01 -21.43 -4.56
N VAL A 189 -11.50 -20.28 -4.95
CA VAL A 189 -11.30 -19.07 -4.20
C VAL A 189 -12.69 -18.48 -3.98
N THR A 190 -13.03 -18.22 -2.73
CA THR A 190 -14.23 -17.55 -2.37
C THR A 190 -14.03 -16.14 -1.91
N ILE A 191 -14.77 -15.21 -2.47
CA ILE A 191 -14.71 -13.80 -2.06
C ILE A 191 -15.90 -13.54 -1.13
N MET A 192 -15.59 -13.11 0.08
CA MET A 192 -16.59 -12.75 1.07
C MET A 192 -16.65 -11.25 1.19
N HIS A 193 -17.77 -10.67 0.82
CA HIS A 193 -17.94 -9.24 0.85
C HIS A 193 -19.11 -8.87 1.75
N ARG A 194 -18.95 -7.75 2.41
CA ARG A 194 -19.96 -7.27 3.37
C ARG A 194 -21.21 -6.57 2.81
N ARG A 195 -21.32 -6.46 1.49
CA ARG A 195 -22.53 -5.97 0.83
C ARG A 195 -22.84 -6.91 -0.35
N ASP A 196 -23.85 -6.56 -1.14
CA ASP A 196 -24.24 -7.35 -2.31
C ASP A 196 -23.76 -6.76 -3.62
N LYS A 197 -22.85 -5.80 -3.58
CA LYS A 197 -22.34 -5.14 -4.80
C LYS A 197 -20.90 -4.91 -4.48
N LEU A 198 -20.02 -5.35 -5.34
CA LEU A 198 -18.57 -5.06 -5.19
C LEU A 198 -18.25 -3.58 -5.44
N ARG A 199 -17.21 -3.12 -4.82
CA ARG A 199 -16.59 -1.82 -5.02
C ARG A 199 -15.56 -1.81 -6.17
N ALA A 200 -14.98 -2.98 -6.50
CA ALA A 200 -13.98 -3.08 -7.51
C ALA A 200 -14.42 -2.55 -8.86
N GLN A 201 -13.41 -2.17 -9.67
CA GLN A 201 -13.70 -1.80 -11.07
C GLN A 201 -14.51 -2.85 -11.78
N GLU A 202 -15.52 -2.40 -12.54
CA GLU A 202 -16.41 -3.33 -13.20
C GLU A 202 -15.74 -4.33 -14.07
N ILE A 203 -14.63 -4.00 -14.72
CA ILE A 203 -13.97 -4.96 -15.57
C ILE A 203 -13.44 -6.17 -14.76
N ILE A 204 -12.97 -5.88 -13.55
CA ILE A 204 -12.49 -6.90 -12.65
C ILE A 204 -13.66 -7.70 -12.04
N GLN A 205 -14.72 -7.02 -11.66
CA GLN A 205 -15.94 -7.70 -11.18
C GLN A 205 -16.35 -8.71 -12.23
N GLN A 206 -16.37 -8.25 -13.49
CA GLN A 206 -16.88 -9.13 -14.54
C GLN A 206 -16.03 -10.35 -14.73
N ARG A 207 -14.70 -10.20 -14.65
CA ARG A 207 -13.79 -11.30 -14.76
C ARG A 207 -13.98 -12.32 -13.60
N ALA A 208 -14.23 -11.79 -12.42
CA ALA A 208 -14.52 -12.65 -11.25
C ALA A 208 -15.87 -13.40 -11.42
N PHE A 209 -16.90 -12.70 -11.91
CA PHE A 209 -18.22 -13.33 -12.11
C PHE A 209 -18.07 -14.50 -13.09
N LYS A 210 -17.27 -14.29 -14.13
CA LYS A 210 -17.16 -15.32 -15.16
C LYS A 210 -16.25 -16.48 -14.79
N GLU A 211 -15.24 -16.22 -13.95
CA GLU A 211 -14.25 -17.25 -13.57
C GLU A 211 -14.89 -18.36 -12.78
N GLU A 212 -14.87 -19.58 -13.35
CA GLU A 212 -15.42 -20.73 -12.65
C GLU A 212 -14.87 -21.12 -11.31
N LYS A 213 -13.63 -20.77 -11.00
CA LYS A 213 -13.09 -21.13 -9.70
C LYS A 213 -13.35 -20.06 -8.61
N ILE A 214 -14.06 -18.99 -8.94
CA ILE A 214 -14.46 -17.98 -7.94
C ILE A 214 -15.90 -18.14 -7.48
N ASN A 215 -16.05 -18.27 -6.17
CA ASN A 215 -17.34 -18.31 -5.53
C ASN A 215 -17.48 -17.04 -4.71
N PHE A 216 -18.71 -16.69 -4.37
CA PHE A 216 -19.01 -15.53 -3.52
C PHE A 216 -19.79 -15.87 -2.26
N ILE A 217 -19.45 -15.20 -1.17
CA ILE A 217 -20.30 -15.15 0.03
C ILE A 217 -20.64 -13.67 0.20
N TRP A 218 -21.81 -13.31 -0.28
CA TRP A 218 -22.23 -11.93 -0.24
C TRP A 218 -22.79 -11.56 1.15
N ASP A 219 -22.88 -10.25 1.40
CA ASP A 219 -23.55 -9.69 2.60
C ASP A 219 -23.06 -10.29 3.88
N SER A 220 -21.75 -10.54 3.95
CA SER A 220 -21.18 -11.32 5.09
C SER A 220 -19.86 -10.75 5.56
N VAL A 221 -19.64 -10.88 6.86
CA VAL A 221 -18.41 -10.53 7.46
C VAL A 221 -17.83 -11.67 8.28
N PRO A 222 -16.50 -11.80 8.32
CA PRO A 222 -15.87 -12.85 9.13
C PRO A 222 -15.87 -12.45 10.60
N MET A 223 -16.18 -13.45 11.44
CA MET A 223 -16.24 -13.28 12.88
C MET A 223 -15.10 -13.97 13.62
N GLU A 224 -14.53 -15.08 13.08
CA GLU A 224 -13.53 -15.84 13.77
C GLU A 224 -12.82 -16.72 12.81
N ILE A 225 -11.51 -16.84 12.96
CA ILE A 225 -10.68 -17.72 12.13
C ILE A 225 -10.29 -18.79 13.12
N LYS A 226 -10.45 -20.05 12.73
CA LYS A 226 -10.24 -21.15 13.66
C LYS A 226 -9.33 -22.14 13.03
N GLY A 227 -8.63 -22.87 13.89
CA GLY A 227 -7.69 -23.84 13.37
C GLY A 227 -7.28 -24.87 14.42
N ASP A 228 -6.29 -25.68 14.08
CA ASP A 228 -5.72 -26.67 15.01
C ASP A 228 -4.50 -25.95 15.49
N ASP A 229 -3.68 -26.45 16.38
CA ASP A 229 -2.70 -25.48 16.86
C ASP A 229 -1.60 -25.19 15.80
N LYS A 230 -1.68 -25.89 14.66
CA LYS A 230 -0.72 -25.75 13.55
C LYS A 230 -1.20 -24.82 12.38
N LYS A 231 -2.46 -24.92 11.96
CA LYS A 231 -2.91 -24.12 10.82
C LYS A 231 -4.41 -23.84 10.82
N ILE A 232 -4.81 -22.86 10.03
CA ILE A 232 -6.22 -22.52 9.85
C ILE A 232 -7.00 -23.74 9.36
N GLN A 233 -8.21 -23.92 9.87
CA GLN A 233 -9.18 -24.85 9.29
C GLN A 233 -10.55 -24.34 8.89
N SER A 234 -11.02 -23.27 9.50
CA SER A 234 -12.39 -22.87 9.22
C SER A 234 -12.53 -21.42 9.58
N VAL A 235 -13.60 -20.81 9.08
CA VAL A 235 -13.96 -19.45 9.37
C VAL A 235 -15.45 -19.37 9.73
N VAL A 236 -15.75 -18.65 10.81
CA VAL A 236 -17.11 -18.36 11.16
C VAL A 236 -17.43 -16.98 10.61
N TYR A 237 -18.62 -16.84 10.02
CA TYR A 237 -19.09 -15.56 9.51
C TYR A 237 -20.53 -15.32 9.69
N LYS A 238 -20.91 -14.07 9.45
CA LYS A 238 -22.22 -13.64 9.72
C LYS A 238 -22.76 -12.82 8.58
N ASN A 239 -24.02 -13.02 8.30
CA ASN A 239 -24.76 -12.30 7.29
C ASN A 239 -25.26 -10.99 7.91
N VAL A 240 -25.01 -9.88 7.23
CA VAL A 240 -25.17 -8.54 7.79
C VAL A 240 -26.57 -8.02 7.60
N LYS A 241 -27.40 -8.74 6.85
CA LYS A 241 -28.82 -8.45 6.74
C LYS A 241 -29.70 -9.33 7.59
N THR A 242 -29.26 -10.55 7.93
CA THR A 242 -30.09 -11.47 8.71
C THR A 242 -29.54 -11.95 10.01
N GLY A 243 -28.27 -11.72 10.27
CA GLY A 243 -27.59 -12.25 11.40
C GLY A 243 -27.26 -13.75 11.34
N GLU A 244 -27.63 -14.42 10.27
CA GLU A 244 -27.29 -15.85 10.09
C GLU A 244 -25.81 -16.08 10.23
N VAL A 245 -25.46 -17.04 11.06
CA VAL A 245 -24.06 -17.39 11.28
C VAL A 245 -23.73 -18.76 10.64
N THR A 246 -22.64 -18.79 9.89
CA THR A 246 -22.18 -20.00 9.19
C THR A 246 -20.71 -20.27 9.52
N GLU A 247 -20.28 -21.53 9.56
CA GLU A 247 -18.89 -21.84 9.69
C GLU A 247 -18.54 -22.73 8.52
N LYS A 248 -17.47 -22.43 7.83
CA LYS A 248 -17.09 -23.20 6.64
C LYS A 248 -15.60 -23.42 6.65
N ALA A 249 -15.18 -24.60 6.15
CA ALA A 249 -13.78 -24.94 6.11
C ALA A 249 -13.06 -24.20 4.98
N PHE A 250 -11.87 -23.72 5.27
CA PHE A 250 -10.97 -23.09 4.31
C PHE A 250 -9.53 -23.41 4.77
N GLY A 251 -8.61 -23.47 3.82
CA GLY A 251 -7.21 -23.71 4.08
C GLY A 251 -6.34 -22.46 4.12
N GLY A 252 -6.87 -21.33 3.63
CA GLY A 252 -6.21 -20.08 3.73
C GLY A 252 -7.18 -18.93 3.65
N ILE A 253 -6.79 -17.83 4.27
CA ILE A 253 -7.57 -16.58 4.20
C ILE A 253 -6.68 -15.39 3.89
N PHE A 254 -7.08 -14.65 2.86
CA PHE A 254 -6.37 -13.45 2.44
C PHE A 254 -7.31 -12.28 2.68
N ILE A 255 -6.79 -11.25 3.33
CA ILE A 255 -7.60 -10.15 3.85
C ILE A 255 -7.34 -8.87 3.12
N TYR A 256 -8.40 -8.31 2.51
CA TYR A 256 -8.29 -7.06 1.75
C TYR A 256 -9.42 -6.13 2.07
N VAL A 257 -9.44 -5.62 3.30
CA VAL A 257 -10.51 -4.79 3.78
C VAL A 257 -10.19 -3.32 3.89
N GLY A 258 -9.14 -2.93 3.19
CA GLY A 258 -8.83 -1.50 3.03
C GLY A 258 -7.49 -1.19 3.64
N LEU A 259 -7.27 0.10 3.77
CA LEU A 259 -5.93 0.62 4.10
C LEU A 259 -5.90 1.50 5.27
N ASP A 260 -4.73 1.47 5.92
CA ASP A 260 -4.45 2.48 6.93
C ASP A 260 -3.15 3.22 6.53
N PRO A 261 -3.03 4.44 6.96
CA PRO A 261 -1.87 5.30 6.59
C PRO A 261 -0.63 4.82 7.26
N VAL A 262 0.52 5.01 6.63
CA VAL A 262 1.83 4.71 7.23
C VAL A 262 2.50 6.09 7.47
N ALA A 263 2.20 6.66 8.64
CA ALA A 263 2.54 8.04 8.99
C ALA A 263 2.79 8.27 10.51
N GLU A 264 3.28 7.24 11.20
CA GLU A 264 3.39 7.28 12.67
C GLU A 264 4.41 8.35 13.04
N PHE A 265 5.43 8.52 12.18
CA PHE A 265 6.54 9.41 12.40
C PHE A 265 6.15 10.87 12.29
N VAL A 266 4.90 11.19 12.00
CA VAL A 266 4.45 12.59 12.05
C VAL A 266 3.24 12.85 12.89
N SER A 267 2.88 11.89 13.76
CA SER A 267 1.58 11.95 14.50
C SER A 267 1.45 13.19 15.39
N ASP A 268 2.56 13.54 16.00
CA ASP A 268 2.68 14.77 16.80
C ASP A 268 2.53 16.11 16.00
N LEU A 269 2.80 16.10 14.69
CA LEU A 269 3.14 17.35 13.97
C LEU A 269 1.97 18.21 13.54
N GLY A 270 0.77 17.70 13.69
CA GLY A 270 -0.42 18.48 13.29
C GLY A 270 -0.72 18.52 11.79
N ILE A 271 -0.22 17.55 11.03
CA ILE A 271 -0.49 17.50 9.60
C ILE A 271 -1.37 16.33 9.19
N THR A 272 -1.94 15.61 10.16
CA THR A 272 -2.76 14.43 9.88
C THR A 272 -4.22 14.62 10.22
N ASP A 273 -5.12 13.93 9.51
CA ASP A 273 -6.52 13.94 9.88
C ASP A 273 -6.75 12.93 11.00
N GLU A 274 -7.98 12.89 11.45
CA GLU A 274 -8.41 12.02 12.55
C GLU A 274 -8.09 10.55 12.28
N ALA A 275 -8.10 10.10 11.01
CA ALA A 275 -7.68 8.70 10.71
C ALA A 275 -6.16 8.50 10.55
N GLY A 276 -5.40 9.57 10.40
CA GLY A 276 -3.95 9.45 10.41
C GLY A 276 -3.32 9.73 9.03
N TRP A 277 -4.15 10.01 8.01
CA TRP A 277 -3.70 10.36 6.65
C TRP A 277 -3.11 11.77 6.71
N ILE A 278 -2.14 12.05 5.82
CA ILE A 278 -1.51 13.37 5.78
C ILE A 278 -2.36 14.29 4.92
N ILE A 279 -2.78 15.42 5.50
CA ILE A 279 -3.53 16.44 4.77
C ILE A 279 -2.61 17.32 3.91
N THR A 280 -2.90 17.42 2.61
CA THR A 280 -2.13 18.36 1.77
C THR A 280 -3.13 19.22 1.01
N ASP A 281 -2.65 20.34 0.51
CA ASP A 281 -3.40 21.01 -0.55
C ASP A 281 -3.09 20.35 -1.90
N ASP A 282 -3.53 21.01 -2.97
CA ASP A 282 -3.41 20.47 -4.32
C ASP A 282 -2.01 20.60 -4.90
N HIS A 283 -1.10 21.24 -4.18
CA HIS A 283 0.30 21.26 -4.60
C HIS A 283 1.16 20.34 -3.71
N MET A 284 0.50 19.38 -3.04
CA MET A 284 1.16 18.42 -2.16
C MET A 284 1.73 19.06 -0.87
N ARG A 285 1.34 20.29 -0.57
CA ARG A 285 1.85 20.95 0.64
C ARG A 285 1.09 20.60 1.90
N THR A 286 1.81 20.23 2.96
CA THR A 286 1.23 20.23 4.33
C THR A 286 1.17 21.64 4.95
N ASN A 287 0.67 21.74 6.19
CA ASN A 287 0.80 22.90 7.09
C ASN A 287 2.14 23.44 7.23
N ILE A 288 3.07 22.50 7.26
CA ILE A 288 4.42 22.83 7.56
C ILE A 288 5.21 23.12 6.31
N PRO A 289 5.72 24.37 6.24
CA PRO A 289 6.47 24.74 5.05
C PRO A 289 7.63 23.85 4.85
N GLY A 290 7.78 23.38 3.61
CA GLY A 290 8.88 22.52 3.27
C GLY A 290 8.70 21.02 3.52
N ILE A 291 7.54 20.66 4.03
CA ILE A 291 7.14 19.26 4.17
C ILE A 291 5.91 19.04 3.28
N PHE A 292 6.11 18.14 2.34
CA PHE A 292 5.11 17.78 1.40
C PHE A 292 4.80 16.32 1.61
N ALA A 293 3.68 15.90 1.04
CA ALA A 293 3.29 14.49 1.07
C ALA A 293 2.60 14.11 -0.21
N VAL A 294 2.88 12.91 -0.65
CA VAL A 294 2.44 12.38 -1.93
C VAL A 294 1.91 10.93 -1.86
N GLY A 295 0.99 10.59 -2.77
CA GLY A 295 0.68 9.21 -2.98
C GLY A 295 -0.31 8.75 -1.89
N ASP A 296 -0.22 7.46 -1.64
CA ASP A 296 -1.25 6.78 -0.85
C ASP A 296 -1.36 7.30 0.57
N VAL A 297 -0.27 7.84 1.11
CA VAL A 297 -0.26 8.33 2.50
C VAL A 297 -1.12 9.57 2.67
N ARG A 298 -1.39 10.27 1.59
CA ARG A 298 -2.23 11.45 1.70
C ARG A 298 -3.69 11.12 1.94
N GLN A 299 -4.42 12.09 2.49
CA GLN A 299 -5.86 11.99 2.58
C GLN A 299 -6.37 12.15 1.18
N LYS A 300 -7.04 11.15 0.66
CA LYS A 300 -7.60 11.17 -0.67
C LYS A 300 -8.35 9.86 -0.87
N ASP A 301 -9.08 9.78 -2.00
CA ASP A 301 -9.96 8.67 -2.31
C ASP A 301 -9.41 7.75 -3.35
N PHE A 302 -8.61 8.28 -4.24
CA PHE A 302 -8.25 7.52 -5.37
C PHE A 302 -6.78 7.10 -5.29
N ARG A 303 -6.50 5.87 -4.88
CA ARG A 303 -5.14 5.39 -4.72
C ARG A 303 -4.73 4.46 -5.84
N GLN A 304 -3.87 4.99 -6.72
CA GLN A 304 -3.41 4.26 -7.86
C GLN A 304 -1.98 4.68 -8.14
N ILE A 305 -1.31 3.93 -8.98
CA ILE A 305 0.05 4.24 -9.41
C ILE A 305 0.10 5.53 -10.24
N THR A 306 -0.94 5.73 -11.03
CA THR A 306 -1.03 6.95 -11.84
C THR A 306 -1.09 8.20 -10.95
N THR A 307 -1.91 8.21 -9.91
CA THR A 307 -1.98 9.34 -9.10
C THR A 307 -0.79 9.37 -8.13
N ALA A 308 -0.16 8.23 -7.83
CA ALA A 308 1.10 8.30 -7.07
C ALA A 308 2.20 9.06 -7.86
N VAL A 309 2.30 8.74 -9.12
CA VAL A 309 3.35 9.26 -9.99
C VAL A 309 3.06 10.74 -10.16
N GLY A 310 1.82 11.07 -10.46
CA GLY A 310 1.41 12.46 -10.53
C GLY A 310 1.71 13.34 -9.32
N ASP A 311 1.30 12.83 -8.18
CA ASP A 311 1.59 13.51 -6.92
C ASP A 311 3.07 13.68 -6.75
N GLY A 312 3.84 12.66 -7.01
CA GLY A 312 5.28 12.75 -6.84
C GLY A 312 5.97 13.80 -7.65
N ALA A 313 5.56 13.89 -8.92
CA ALA A 313 6.11 14.90 -9.79
C ALA A 313 5.72 16.28 -9.30
N GLN A 314 4.50 16.48 -8.84
CA GLN A 314 4.05 17.78 -8.40
C GLN A 314 4.83 18.25 -7.11
N ALA A 315 5.02 17.33 -6.18
CA ALA A 315 5.72 17.63 -4.96
C ALA A 315 7.15 17.97 -5.24
N ALA A 316 7.80 17.26 -6.16
CA ALA A 316 9.14 17.49 -6.55
C ALA A 316 9.35 18.91 -7.08
N GLN A 317 8.41 19.36 -7.90
CA GLN A 317 8.43 20.73 -8.41
C GLN A 317 8.15 21.77 -7.34
N GLU A 318 7.23 21.46 -6.41
CA GLU A 318 7.02 22.34 -5.26
C GLU A 318 8.22 22.42 -4.30
N ALA A 319 8.93 21.30 -4.09
CA ALA A 319 10.11 21.30 -3.25
C ALA A 319 11.23 22.14 -3.92
N TYR A 320 11.41 21.98 -5.22
CA TYR A 320 12.37 22.80 -5.92
C TYR A 320 12.13 24.27 -5.70
N LYS A 321 10.92 24.72 -5.91
CA LYS A 321 10.59 26.12 -5.71
C LYS A 321 10.76 26.60 -4.25
N PHE A 322 10.34 25.77 -3.32
CA PHE A 322 10.52 26.07 -1.91
C PHE A 322 12.01 26.26 -1.58
N VAL A 323 12.85 25.37 -2.07
CA VAL A 323 14.26 25.40 -1.77
C VAL A 323 14.93 26.55 -2.48
N VAL A 324 14.55 26.78 -3.74
CA VAL A 324 15.03 27.95 -4.43
C VAL A 324 14.77 29.22 -3.60
N GLU A 325 13.55 29.40 -3.10
CA GLU A 325 13.18 30.59 -2.36
C GLU A 325 13.82 30.75 -0.98
N LEU A 326 14.33 29.67 -0.42
CA LEU A 326 14.79 29.64 0.97
C LEU A 326 16.08 30.44 1.25
PA FAD B . 3.72 2.70 -1.64
O1A FAD B . 2.94 2.04 -0.50
O2A FAD B . 3.91 1.90 -2.88
O5B FAD B . 5.26 2.86 -1.17
C5B FAD B . 5.51 3.36 0.19
C4B FAD B . 6.98 3.03 0.50
O4B FAD B . 7.31 3.65 1.74
C3B FAD B . 7.18 1.55 0.64
O3B FAD B . 8.17 0.94 -0.10
C2B FAD B . 7.55 1.38 2.13
O2B FAD B . 8.47 0.30 2.37
C1B FAD B . 8.15 2.71 2.46
N9A FAD B . 8.05 3.11 3.86
C8A FAD B . 6.96 3.09 4.64
N7A FAD B . 7.24 3.55 5.88
C5A FAD B . 8.54 3.87 5.89
C6A FAD B . 9.48 4.38 6.91
N6A FAD B . 8.96 4.72 8.11
N1A FAD B . 10.74 4.64 6.54
C2A FAD B . 11.15 4.30 5.29
N3A FAD B . 10.37 3.80 4.31
C4A FAD B . 9.08 3.56 4.58
N1 FAD B . -2.57 0.64 -8.44
C2 FAD B . -2.64 0.70 -9.82
O2 FAD B . -2.62 1.84 -10.39
N3 FAD B . -2.81 -0.39 -10.57
C4 FAD B . -2.85 -1.64 -10.07
O4 FAD B . -2.90 -2.65 -10.77
C4X FAD B . -2.71 -1.81 -8.61
N5 FAD B . -2.77 -3.06 -8.06
C5X FAD B . -2.65 -3.18 -6.73
C6 FAD B . -2.74 -4.48 -6.17
C7 FAD B . -2.63 -4.67 -4.78
C7M FAD B . -2.70 -6.08 -4.12
C8 FAD B . -2.46 -3.48 -3.97
C8M FAD B . -2.29 -3.74 -2.49
C9 FAD B . -2.42 -2.18 -4.51
C9A FAD B . -2.49 -1.98 -5.90
N10 FAD B . -2.44 -0.67 -6.47
C10 FAD B . -2.59 -0.58 -7.85
C1' FAD B . -2.31 0.58 -5.77
C2' FAD B . -0.82 1.06 -5.89
O2' FAD B . 0.07 -0.02 -5.66
C3' FAD B . -0.55 2.15 -4.91
O3' FAD B . -1.45 3.21 -5.18
C4' FAD B . 0.85 2.77 -4.96
O4' FAD B . 1.88 1.75 -4.85
C5' FAD B . 1.09 3.81 -3.90
O5' FAD B . 2.45 4.26 -4.08
P FAD B . 3.12 5.18 -2.96
O1P FAD B . 2.27 6.27 -2.48
O2P FAD B . 4.50 5.44 -3.47
O3P FAD B . 3.10 4.11 -1.63
PA NAP C . -10.79 -0.61 -0.39
O1A NAP C . -11.05 0.19 -1.66
O2A NAP C . -11.01 0.15 0.87
O5B NAP C . -11.89 -1.81 -0.42
C5B NAP C . -12.10 -2.62 0.71
C4B NAP C . -13.26 -3.56 0.48
O4B NAP C . -13.43 -4.44 1.60
C3B NAP C . -14.53 -2.74 0.37
O3B NAP C . -15.42 -3.26 -0.62
C2B NAP C . -15.10 -2.82 1.77
O2B NAP C . -16.48 -2.71 1.85
C1B NAP C . -14.75 -4.25 2.13
N9A NAP C . -14.76 -4.62 3.55
C8A NAP C . -14.30 -3.85 4.54
N7A NAP C . -14.44 -4.54 5.67
C5A NAP C . -14.96 -5.72 5.39
C6A NAP C . -15.27 -6.87 6.22
N6A NAP C . -15.03 -6.73 7.55
N1A NAP C . -15.82 -7.98 5.61
C2A NAP C . -16.00 -8.02 4.26
N3A NAP C . -15.70 -6.98 3.41
C4A NAP C . -15.17 -5.82 3.97
O3 NAP C . -9.42 -1.36 -0.35
PN NAP C . -8.59 -2.07 -1.46
O1N NAP C . -9.43 -2.99 -2.34
O2N NAP C . -7.34 -2.63 -0.84
O5D NAP C . -7.96 -0.87 -2.34
C5D NAP C . -7.29 0.25 -1.76
C4D NAP C . -7.01 1.34 -2.84
O4D NAP C . -6.06 0.77 -3.73
C3D NAP C . -8.23 1.71 -3.63
O3D NAP C . -8.37 3.13 -3.80
C2D NAP C . -8.09 0.88 -4.88
O2D NAP C . -8.79 1.31 -6.09
C1D NAP C . -6.61 0.80 -5.05
N1N NAP C . -6.27 -0.35 -5.82
C2N NAP C . -6.27 -0.22 -7.17
C3N NAP C . -6.02 -1.24 -8.01
C7N NAP C . -6.06 -1.02 -9.48
O7N NAP C . -6.05 0.11 -9.96
N7N NAP C . -6.13 -2.02 -10.28
C4N NAP C . -5.76 -2.50 -7.46
C5N NAP C . -5.76 -2.62 -6.07
C6N NAP C . -6.05 -1.53 -5.28
P2B NAP C . -17.34 -1.44 1.35
O1X NAP C . -18.68 -1.64 1.92
O2X NAP C . -16.65 -0.32 2.02
O3X NAP C . -17.15 -1.42 -0.14
C1 PEG D . 16.57 2.73 -4.13
O1 PEG D . 16.09 2.96 -5.46
C2 PEG D . 15.75 3.57 -3.16
O2 PEG D . 16.17 3.63 -1.78
C3 PEG D . 17.08 2.64 -1.30
C4 PEG D . 16.41 1.30 -1.13
O4 PEG D . 16.83 0.81 0.14
C1 PEG E . -5.03 22.15 4.75
O1 PEG E . -5.96 22.75 3.85
C2 PEG E . -3.63 21.91 4.15
O2 PEG E . -3.19 23.00 3.34
C3 PEG E . -1.80 23.35 3.46
C4 PEG E . -1.69 24.63 4.28
O4 PEG E . -0.89 25.57 3.60
S SO4 F . -5.68 -14.41 18.06
O1 SO4 F . -6.98 -15.08 18.35
O2 SO4 F . -4.60 -15.04 18.87
O3 SO4 F . -5.96 -12.98 18.39
O4 SO4 F . -5.19 -14.75 16.70
S SO4 G . -14.70 0.84 7.49
O1 SO4 G . -14.06 1.75 8.47
O2 SO4 G . -13.94 -0.41 7.50
O3 SO4 G . -16.09 0.69 7.95
O4 SO4 G . -14.56 1.42 6.11
#